data_7G93
#
_entry.id   7G93
#
_cell.length_a   71.323
_cell.length_b   71.323
_cell.length_c   196.558
_cell.angle_alpha   90.000
_cell.angle_beta   90.000
_cell.angle_gamma   90.000
#
_symmetry.space_group_name_H-M   'P 43 21 2'
#
loop_
_entity.id
_entity.type
_entity.pdbx_description
1 polymer 'Transforming protein RhoA'
2 polymer 'Rho guanine nucleotide exchange factor 2'
3 non-polymer N-(8-methyl-1,2,3,4-tetrahydroquinolin-5-yl)acetamide
4 non-polymer 'DIMETHYL SULFOXIDE'
5 non-polymer 'FORMIC ACID'
6 water water
#
loop_
_entity_poly.entity_id
_entity_poly.type
_entity_poly.pdbx_seq_one_letter_code
_entity_poly.pdbx_strand_id
1 'polypeptide(L)'
;SMAAIRKKLVIVGDGACGKTCLLIVFSKDQFPEVYVPTVFENYVADIEVDGKQVELALWDTAGQEDYDRLRPLSYPDTDV
ILMCFSIDSPDSLENIPEKWTPEVKHFCPNVPIILVGNKKDLRNDEHTRRELAKMKQEPVKPEEGRDMANRIGAFGYMEC
SAKTKDGVREVFEMATRAALQARRG
;
A
2 'polypeptide(L)'
;SMEMDEKDFAADSWSLAVDSSFLQQHKKEVMKQQDVIYELIQTELHHVRTLKIMTRLFRTGMLEELHLEPGVVQGLFPCV
DELSDIHTRFLSQLLERRRQALCPGSTRNFVIHRLGDLLISQFSGPSAEQMCKTYSEFCSRHSKALKLYKELYARDKRFQ
QFIRKVTRPAVLKRHGVQECILLVTQRITKYPLLISRILQHSHGIEEERQDLTTALGLVKELLSNVDEGIYQLEKGARLQ
EIYNR
;
B
#
# COMPACT_ATOMS: atom_id res chain seq x y z
N ALA A 4 21.93 12.58 3.13
CA ALA A 4 20.50 12.86 2.93
C ALA A 4 19.72 12.33 4.12
N ILE A 5 18.91 13.19 4.73
CA ILE A 5 18.10 12.77 5.87
C ILE A 5 16.82 12.07 5.34
N ARG A 6 16.30 11.10 6.09
CA ARG A 6 15.11 10.36 5.68
C ARG A 6 13.90 10.92 6.39
N LYS A 7 12.83 11.21 5.65
CA LYS A 7 11.57 11.70 6.19
C LYS A 7 10.42 10.83 5.69
N LYS A 8 9.32 10.76 6.45
CA LYS A 8 8.19 9.94 6.06
C LYS A 8 6.96 10.82 5.84
N LEU A 9 6.26 10.58 4.72
CA LEU A 9 5.04 11.28 4.34
C LEU A 9 3.90 10.25 4.21
N VAL A 10 2.70 10.58 4.71
CA VAL A 10 1.53 9.74 4.56
C VAL A 10 0.41 10.60 4.01
N ILE A 11 -0.34 10.08 3.02
CA ILE A 11 -1.46 10.81 2.46
CA ILE A 11 -1.47 10.81 2.46
C ILE A 11 -2.76 10.23 2.97
N VAL A 12 -3.66 11.10 3.44
CA VAL A 12 -4.96 10.70 3.98
CA VAL A 12 -4.94 10.73 4.00
C VAL A 12 -6.09 11.42 3.21
N GLY A 13 -7.30 10.92 3.32
CA GLY A 13 -8.45 11.49 2.64
C GLY A 13 -9.43 10.41 2.19
N ASP A 14 -10.63 10.83 1.80
CA ASP A 14 -11.66 9.90 1.37
C ASP A 14 -11.23 9.08 0.15
N GLY A 15 -11.85 7.90 0.00
CA GLY A 15 -11.57 6.98 -1.10
C GLY A 15 -11.55 7.59 -2.49
N ALA A 16 -12.45 8.55 -2.80
CA ALA A 16 -12.45 9.14 -4.15
C ALA A 16 -11.73 10.49 -4.22
N CYS A 17 -10.79 10.76 -3.31
CA CYS A 17 -10.11 12.05 -3.27
C CYS A 17 -8.94 12.20 -4.25
N GLY A 18 -8.48 11.10 -4.86
CA GLY A 18 -7.37 11.10 -5.80
C GLY A 18 -5.98 10.95 -5.19
N LYS A 19 -5.88 10.50 -3.91
CA LYS A 19 -4.58 10.35 -3.24
CA LYS A 19 -4.57 10.35 -3.25
C LYS A 19 -3.65 9.36 -3.93
N THR A 20 -4.20 8.21 -4.42
CA THR A 20 -3.36 7.22 -5.07
C THR A 20 -2.78 7.79 -6.36
N CYS A 21 -3.61 8.46 -7.15
CA CYS A 21 -3.18 9.05 -8.42
CA CYS A 21 -3.13 9.03 -8.42
C CYS A 21 -2.07 10.08 -8.19
N LEU A 22 -2.24 10.91 -7.15
CA LEU A 22 -1.26 11.94 -6.82
C LEU A 22 0.13 11.30 -6.54
N LEU A 23 0.17 10.26 -5.68
CA LEU A 23 1.44 9.54 -5.40
C LEU A 23 2.08 8.91 -6.67
N ILE A 24 1.26 8.28 -7.53
CA ILE A 24 1.72 7.63 -8.77
C ILE A 24 2.37 8.69 -9.71
N VAL A 25 1.64 9.77 -10.00
CA VAL A 25 2.12 10.81 -10.91
C VAL A 25 3.40 11.47 -10.39
N PHE A 26 3.49 11.74 -9.07
CA PHE A 26 4.72 12.33 -8.54
C PHE A 26 5.90 11.36 -8.69
N SER A 27 5.71 10.08 -8.27
CA SER A 27 6.79 9.08 -8.27
C SER A 27 7.28 8.71 -9.66
N LYS A 28 6.42 8.75 -10.67
CA LYS A 28 6.85 8.47 -12.04
C LYS A 28 7.24 9.76 -12.81
N ASP A 29 6.88 10.96 -12.29
CA ASP A 29 7.04 12.28 -12.91
C ASP A 29 6.33 12.25 -14.28
N GLN A 30 5.12 11.69 -14.31
CA GLN A 30 4.39 11.48 -15.56
C GLN A 30 2.98 10.95 -15.24
N PHE A 31 1.96 11.34 -16.01
CA PHE A 31 0.64 10.72 -15.86
C PHE A 31 0.70 9.50 -16.81
N PRO A 32 0.57 8.28 -16.26
CA PRO A 32 0.69 7.06 -17.11
C PRO A 32 -0.09 7.07 -18.42
N GLU A 33 0.60 6.81 -19.52
CA GLU A 33 -0.02 6.83 -20.84
C GLU A 33 -0.67 5.51 -21.24
N VAL A 34 -0.19 4.39 -20.70
CA VAL A 34 -0.71 3.09 -21.12
C VAL A 34 -1.64 2.48 -20.06
N TYR A 35 -1.22 2.48 -18.78
CA TYR A 35 -2.03 1.91 -17.72
C TYR A 35 -1.88 2.70 -16.45
N VAL A 36 -3.01 3.08 -15.82
CA VAL A 36 -2.98 3.79 -14.56
C VAL A 36 -3.09 2.73 -13.45
N PRO A 37 -2.06 2.53 -12.64
CA PRO A 37 -2.13 1.49 -11.58
C PRO A 37 -3.31 1.68 -10.63
N THR A 38 -3.88 0.58 -10.16
CA THR A 38 -4.95 0.58 -9.18
C THR A 38 -4.39 0.93 -7.79
N VAL A 39 -3.18 0.46 -7.47
CA VAL A 39 -2.63 0.66 -6.14
C VAL A 39 -1.20 1.23 -6.17
N PHE A 40 -0.75 1.69 -5.00
CA PHE A 40 0.58 2.25 -4.79
C PHE A 40 1.19 1.48 -3.59
N GLU A 41 2.39 0.90 -3.77
CA GLU A 41 3.03 0.11 -2.70
C GLU A 41 3.75 1.07 -1.71
N ASN A 42 4.89 1.61 -2.12
CA ASN A 42 5.60 2.69 -1.42
C ASN A 42 6.66 3.21 -2.42
N TYR A 43 7.37 4.28 -2.04
CA TYR A 43 8.39 4.85 -2.90
C TYR A 43 9.27 5.73 -2.02
N VAL A 44 10.53 5.88 -2.38
CA VAL A 44 11.43 6.78 -1.64
C VAL A 44 11.95 7.78 -2.67
N ALA A 45 11.42 9.02 -2.60
CA ALA A 45 11.77 10.07 -3.56
C ALA A 45 13.02 10.81 -3.13
N ASP A 46 13.95 11.09 -4.07
CA ASP A 46 15.12 11.91 -3.75
C ASP A 46 14.72 13.35 -4.09
N ILE A 47 14.59 14.20 -3.08
CA ILE A 47 14.17 15.58 -3.27
CA ILE A 47 14.19 15.57 -3.32
C ILE A 47 15.20 16.55 -2.72
N GLU A 48 15.46 17.64 -3.41
CA GLU A 48 16.37 18.66 -2.91
C GLU A 48 15.55 19.92 -2.83
N VAL A 49 15.30 20.41 -1.61
CA VAL A 49 14.48 21.60 -1.46
C VAL A 49 15.25 22.66 -0.67
N ASP A 50 15.36 23.89 -1.23
CA ASP A 50 16.08 24.99 -0.59
C ASP A 50 17.50 24.59 -0.14
N GLY A 51 18.20 23.84 -1.01
CA GLY A 51 19.56 23.39 -0.75
C GLY A 51 19.71 22.18 0.15
N LYS A 52 18.61 21.58 0.63
CA LYS A 52 18.70 20.41 1.51
C LYS A 52 18.27 19.12 0.82
N GLN A 53 19.11 18.07 0.89
CA GLN A 53 18.79 16.79 0.28
CA GLN A 53 18.81 16.79 0.28
C GLN A 53 18.04 15.90 1.23
N VAL A 54 16.86 15.39 0.79
CA VAL A 54 16.05 14.51 1.62
C VAL A 54 15.61 13.23 0.86
N GLU A 55 15.57 12.08 1.54
CA GLU A 55 14.96 10.88 0.99
C GLU A 55 13.56 10.90 1.63
N LEU A 56 12.51 11.12 0.84
CA LEU A 56 11.14 11.19 1.36
C LEU A 56 10.37 9.92 1.05
N ALA A 57 10.07 9.09 2.07
CA ALA A 57 9.31 7.87 1.90
C ALA A 57 7.82 8.22 1.80
N LEU A 58 7.14 7.70 0.79
CA LEU A 58 5.73 8.00 0.49
C LEU A 58 4.81 6.82 0.76
N TRP A 59 3.69 7.06 1.49
CA TRP A 59 2.74 6.00 1.82
C TRP A 59 1.31 6.47 1.55
N ASP A 60 0.49 5.53 1.09
CA ASP A 60 -0.93 5.69 0.79
C ASP A 60 -1.75 4.98 1.90
N THR A 61 -2.92 5.55 2.21
CA THR A 61 -3.87 4.92 3.14
C THR A 61 -5.08 4.33 2.34
N ALA A 62 -5.04 4.35 1.00
CA ALA A 62 -6.14 3.82 0.18
C ALA A 62 -6.36 2.34 0.51
N GLY A 63 -7.63 1.99 0.70
CA GLY A 63 -8.04 0.65 1.10
C GLY A 63 -8.22 0.51 2.62
N GLN A 64 -7.65 1.44 3.41
CA GLN A 64 -7.76 1.36 4.88
C GLN A 64 -8.91 2.20 5.49
N GLU A 65 -9.65 2.93 4.64
CA GLU A 65 -10.71 3.84 5.09
C GLU A 65 -11.81 3.19 5.97
N ASP A 66 -12.15 1.90 5.75
CA ASP A 66 -13.20 1.27 6.57
C ASP A 66 -12.66 0.44 7.77
N TYR A 67 -11.33 0.42 7.96
CA TYR A 67 -10.68 -0.43 8.96
C TYR A 67 -9.94 0.41 9.98
N ASP A 68 -10.64 0.71 11.09
CA ASP A 68 -10.18 1.62 12.15
C ASP A 68 -9.02 1.09 13.01
N ARG A 69 -8.76 -0.21 13.00
CA ARG A 69 -7.61 -0.76 13.73
C ARG A 69 -6.42 -1.01 12.82
N LEU A 70 -6.65 -1.22 11.50
CA LEU A 70 -5.56 -1.40 10.55
C LEU A 70 -5.01 -0.04 10.15
N ARG A 71 -5.87 0.95 9.83
CA ARG A 71 -5.44 2.25 9.32
C ARG A 71 -4.38 2.98 10.18
N PRO A 72 -4.54 3.09 11.52
CA PRO A 72 -3.53 3.81 12.31
C PRO A 72 -2.13 3.23 12.27
N LEU A 73 -1.99 1.96 11.82
CA LEU A 73 -0.67 1.35 11.69
C LEU A 73 0.17 2.03 10.59
N SER A 74 -0.45 2.84 9.72
CA SER A 74 0.27 3.60 8.71
C SER A 74 0.94 4.88 9.33
N TYR A 75 0.47 5.35 10.52
CA TYR A 75 0.93 6.63 11.10
C TYR A 75 2.27 6.68 11.87
N PRO A 76 2.78 5.60 12.52
CA PRO A 76 4.02 5.76 13.31
C PRO A 76 5.18 6.47 12.61
N ASP A 77 5.78 7.44 13.34
CA ASP A 77 6.92 8.24 12.91
C ASP A 77 6.68 9.04 11.64
N THR A 78 5.41 9.40 11.36
CA THR A 78 5.13 10.24 10.20
C THR A 78 5.72 11.66 10.47
N ASP A 79 6.39 12.28 9.45
CA ASP A 79 6.98 13.62 9.55
C ASP A 79 6.11 14.70 8.85
N VAL A 80 5.27 14.31 7.89
CA VAL A 80 4.36 15.27 7.23
C VAL A 80 3.12 14.53 6.76
N ILE A 81 1.93 15.14 6.96
CA ILE A 81 0.68 14.59 6.47
C ILE A 81 0.15 15.40 5.26
N LEU A 82 -0.20 14.73 4.15
CA LEU A 82 -0.93 15.38 3.07
C LEU A 82 -2.39 14.97 3.30
N MET A 83 -3.27 15.94 3.56
CA MET A 83 -4.68 15.67 3.82
CA MET A 83 -4.69 15.73 3.85
C MET A 83 -5.46 16.12 2.59
N CYS A 84 -5.93 15.14 1.85
CA CYS A 84 -6.52 15.38 0.55
CA CYS A 84 -6.53 15.37 0.53
C CYS A 84 -8.05 15.37 0.47
N PHE A 85 -8.59 16.18 -0.45
CA PHE A 85 -10.01 16.22 -0.82
C PHE A 85 -10.00 16.47 -2.33
N SER A 86 -11.13 16.18 -3.00
CA SER A 86 -11.23 16.42 -4.40
C SER A 86 -12.06 17.69 -4.63
N ILE A 87 -11.58 18.59 -5.49
CA ILE A 87 -12.30 19.83 -5.82
C ILE A 87 -13.65 19.56 -6.54
N ASP A 88 -13.77 18.38 -7.21
CA ASP A 88 -15.05 17.98 -7.82
C ASP A 88 -16.00 17.31 -6.79
N SER A 89 -15.64 17.32 -5.50
CA SER A 89 -16.42 16.64 -4.48
C SER A 89 -16.48 17.43 -3.19
N PRO A 90 -17.43 18.36 -3.08
CA PRO A 90 -17.60 19.10 -1.81
C PRO A 90 -17.83 18.17 -0.61
N ASP A 91 -18.39 16.95 -0.84
CA ASP A 91 -18.59 15.96 0.22
C ASP A 91 -17.25 15.48 0.80
N SER A 92 -16.21 15.34 -0.05
CA SER A 92 -14.88 14.96 0.46
C SER A 92 -14.28 16.06 1.35
N LEU A 93 -14.65 17.34 1.13
CA LEU A 93 -14.16 18.46 1.93
C LEU A 93 -14.85 18.49 3.30
N GLU A 94 -16.14 18.18 3.34
CA GLU A 94 -16.93 18.15 4.57
C GLU A 94 -16.44 17.09 5.59
N ASN A 95 -15.86 15.98 5.12
CA ASN A 95 -15.32 14.94 6.02
C ASN A 95 -13.96 15.26 6.64
N ILE A 96 -13.32 16.35 6.19
CA ILE A 96 -12.02 16.75 6.70
C ILE A 96 -12.02 17.21 8.18
N PRO A 97 -12.88 18.17 8.60
CA PRO A 97 -12.72 18.75 9.94
C PRO A 97 -13.01 17.88 11.15
N GLU A 98 -13.97 16.97 11.07
CA GLU A 98 -14.32 16.19 12.26
C GLU A 98 -14.15 14.67 12.12
N LYS A 99 -13.53 14.20 11.02
CA LYS A 99 -13.20 12.79 10.89
C LYS A 99 -11.67 12.67 10.71
N TRP A 100 -11.14 13.11 9.56
CA TRP A 100 -9.70 13.00 9.32
C TRP A 100 -8.83 13.86 10.22
N THR A 101 -9.22 15.13 10.47
CA THR A 101 -8.39 16.02 11.28
C THR A 101 -8.20 15.51 12.72
N PRO A 102 -9.26 15.18 13.47
CA PRO A 102 -9.04 14.69 14.85
C PRO A 102 -8.27 13.37 14.88
N GLU A 103 -8.40 12.52 13.83
CA GLU A 103 -7.65 11.27 13.78
C GLU A 103 -6.15 11.53 13.64
N VAL A 104 -5.78 12.38 12.68
CA VAL A 104 -4.38 12.68 12.44
C VAL A 104 -3.78 13.43 13.63
N LYS A 105 -4.57 14.34 14.27
CA LYS A 105 -4.03 15.04 15.43
C LYS A 105 -3.79 14.10 16.61
N HIS A 106 -4.59 13.02 16.72
CA HIS A 106 -4.45 12.05 17.80
C HIS A 106 -3.21 11.18 17.63
N PHE A 107 -3.06 10.54 16.43
CA PHE A 107 -1.95 9.61 16.13
C PHE A 107 -0.65 10.30 15.69
N CYS A 108 -0.73 11.54 15.18
CA CYS A 108 0.45 12.30 14.73
C CYS A 108 0.50 13.69 15.38
N PRO A 109 0.63 13.76 16.73
CA PRO A 109 0.64 15.08 17.38
C PRO A 109 1.81 15.92 16.90
N ASN A 110 1.55 17.21 16.65
CA ASN A 110 2.60 18.14 16.24
C ASN A 110 3.20 17.88 14.84
N VAL A 111 2.59 17.01 14.04
CA VAL A 111 3.06 16.74 12.70
C VAL A 111 2.37 17.75 11.80
N PRO A 112 3.10 18.47 10.94
CA PRO A 112 2.43 19.43 10.05
C PRO A 112 1.50 18.73 9.05
N ILE A 113 0.34 19.35 8.82
CA ILE A 113 -0.67 18.87 7.88
C ILE A 113 -0.76 19.87 6.73
N ILE A 114 -0.71 19.42 5.50
CA ILE A 114 -0.93 20.31 4.36
C ILE A 114 -2.26 19.86 3.76
N LEU A 115 -3.24 20.77 3.68
CA LEU A 115 -4.53 20.43 3.08
C LEU A 115 -4.35 20.61 1.56
N VAL A 116 -4.62 19.55 0.80
CA VAL A 116 -4.44 19.59 -0.65
C VAL A 116 -5.75 19.37 -1.39
N GLY A 117 -6.09 20.33 -2.25
CA GLY A 117 -7.25 20.24 -3.11
C GLY A 117 -6.84 19.61 -4.42
N ASN A 118 -7.19 18.32 -4.61
CA ASN A 118 -6.86 17.56 -5.81
C ASN A 118 -7.85 17.80 -6.96
N LYS A 119 -7.50 17.35 -8.19
CA LYS A 119 -8.33 17.46 -9.39
C LYS A 119 -8.79 18.89 -9.70
N LYS A 120 -7.90 19.86 -9.54
CA LYS A 120 -8.25 21.27 -9.75
C LYS A 120 -8.70 21.59 -11.18
N ASP A 121 -8.34 20.72 -12.14
CA ASP A 121 -8.74 20.84 -13.56
C ASP A 121 -10.27 20.68 -13.72
N LEU A 122 -10.95 20.04 -12.76
CA LEU A 122 -12.39 19.84 -12.84
C LEU A 122 -13.23 21.05 -12.39
N ARG A 123 -12.58 22.09 -11.83
CA ARG A 123 -13.26 23.30 -11.39
C ARG A 123 -13.98 23.98 -12.57
N ASN A 124 -13.37 23.90 -13.78
CA ASN A 124 -13.94 24.46 -15.00
C ASN A 124 -14.29 23.34 -16.00
N ASP A 125 -14.77 22.20 -15.51
CA ASP A 125 -15.20 21.08 -16.34
C ASP A 125 -16.72 21.14 -16.38
N GLU A 126 -17.29 21.31 -17.59
CA GLU A 126 -18.73 21.46 -17.74
C GLU A 126 -19.52 20.22 -17.31
N HIS A 127 -19.00 19.01 -17.55
CA HIS A 127 -19.68 17.79 -17.12
C HIS A 127 -19.75 17.74 -15.59
N THR A 128 -18.65 18.13 -14.91
CA THR A 128 -18.59 18.20 -13.46
C THR A 128 -19.61 19.21 -12.93
N ARG A 129 -19.67 20.40 -13.54
CA ARG A 129 -20.60 21.43 -13.11
C ARG A 129 -22.06 21.01 -13.26
N ARG A 130 -22.39 20.28 -14.34
CA ARG A 130 -23.75 19.82 -14.58
C ARG A 130 -24.14 18.74 -13.57
N GLU A 131 -23.26 17.75 -13.34
CA GLU A 131 -23.54 16.68 -12.40
C GLU A 131 -23.71 17.17 -10.97
N LEU A 132 -22.85 18.09 -10.51
CA LEU A 132 -22.93 18.63 -9.15
C LEU A 132 -24.19 19.48 -8.96
N ALA A 133 -24.61 20.23 -10.01
CA ALA A 133 -25.81 21.07 -9.95
C ALA A 133 -27.11 20.26 -9.70
N LYS A 134 -27.09 18.95 -9.95
CA LYS A 134 -28.24 18.09 -9.68
C LYS A 134 -28.40 17.87 -8.16
N MET A 135 -27.29 17.88 -7.39
CA MET A 135 -27.38 17.75 -5.94
C MET A 135 -27.24 19.11 -5.23
N LYS A 136 -27.56 20.22 -5.93
CA LYS A 136 -27.48 21.60 -5.44
C LYS A 136 -26.07 21.92 -4.93
N GLN A 137 -25.06 21.56 -5.75
CA GLN A 137 -23.66 21.74 -5.41
C GLN A 137 -22.83 22.39 -6.55
N GLU A 138 -21.57 22.76 -6.26
CA GLU A 138 -20.64 23.27 -7.25
C GLU A 138 -19.19 22.90 -6.88
N PRO A 139 -18.22 22.94 -7.82
CA PRO A 139 -16.83 22.61 -7.46
C PRO A 139 -16.36 23.48 -6.29
N VAL A 140 -15.50 22.93 -5.42
CA VAL A 140 -14.98 23.63 -4.24
C VAL A 140 -14.25 24.90 -4.71
N LYS A 141 -14.59 26.05 -4.14
CA LYS A 141 -13.94 27.31 -4.49
C LYS A 141 -12.57 27.45 -3.78
N PRO A 142 -11.63 28.22 -4.36
CA PRO A 142 -10.32 28.39 -3.68
C PRO A 142 -10.44 28.90 -2.24
N GLU A 143 -11.33 29.89 -1.97
CA GLU A 143 -11.52 30.41 -0.61
C GLU A 143 -12.09 29.38 0.34
N GLU A 144 -12.92 28.43 -0.16
CA GLU A 144 -13.44 27.36 0.69
C GLU A 144 -12.34 26.41 1.13
N GLY A 145 -11.40 26.12 0.23
CA GLY A 145 -10.24 25.30 0.56
C GLY A 145 -9.36 25.97 1.61
N ARG A 146 -8.96 27.25 1.35
CA ARG A 146 -8.13 28.05 2.29
C ARG A 146 -8.80 28.15 3.68
N ASP A 147 -10.13 28.44 3.72
CA ASP A 147 -10.83 28.56 5.01
C ASP A 147 -10.84 27.28 5.80
N MET A 148 -10.98 26.15 5.10
CA MET A 148 -10.98 24.85 5.81
C MET A 148 -9.57 24.60 6.36
N ALA A 149 -8.53 24.88 5.55
CA ALA A 149 -7.15 24.68 6.00
C ALA A 149 -6.84 25.57 7.22
N ASN A 150 -7.32 26.81 7.21
CA ASN A 150 -7.12 27.75 8.30
C ASN A 150 -7.80 27.19 9.57
N ARG A 151 -9.08 26.77 9.45
CA ARG A 151 -9.90 26.26 10.53
C ARG A 151 -9.30 25.01 11.22
N ILE A 152 -8.78 24.05 10.43
CA ILE A 152 -8.23 22.82 11.01
C ILE A 152 -6.78 22.96 11.53
N GLY A 153 -6.18 24.14 11.43
CA GLY A 153 -4.82 24.35 11.90
C GLY A 153 -3.77 23.75 10.98
N ALA A 154 -4.07 23.71 9.65
CA ALA A 154 -3.11 23.17 8.69
C ALA A 154 -1.90 24.12 8.57
N PHE A 155 -0.72 23.52 8.30
CA PHE A 155 0.51 24.24 8.00
C PHE A 155 0.29 25.12 6.75
N GLY A 156 -0.49 24.62 5.78
CA GLY A 156 -0.77 25.38 4.58
C GLY A 156 -1.83 24.76 3.71
N TYR A 157 -2.21 25.47 2.65
CA TYR A 157 -3.21 25.03 1.68
C TYR A 157 -2.62 25.08 0.29
N MET A 158 -2.79 24.00 -0.47
CA MET A 158 -2.26 23.90 -1.83
C MET A 158 -3.26 23.20 -2.73
N GLU A 159 -3.17 23.44 -4.04
CA GLU A 159 -4.02 22.77 -5.04
C GLU A 159 -3.14 22.14 -6.14
N CYS A 160 -3.65 21.10 -6.77
CA CYS A 160 -2.91 20.42 -7.84
C CYS A 160 -3.87 19.63 -8.72
N SER A 161 -3.34 19.17 -9.87
CA SER A 161 -4.05 18.31 -10.80
C SER A 161 -3.09 17.17 -11.18
N ALA A 162 -3.37 15.96 -10.72
CA ALA A 162 -2.54 14.80 -11.11
C ALA A 162 -2.64 14.56 -12.63
N LYS A 163 -3.82 14.82 -13.21
CA LYS A 163 -4.09 14.64 -14.64
C LYS A 163 -3.12 15.42 -15.52
N THR A 164 -2.91 16.71 -15.23
CA THR A 164 -2.01 17.55 -16.02
C THR A 164 -0.62 17.75 -15.42
N LYS A 165 -0.41 17.28 -14.16
CA LYS A 165 0.81 17.45 -13.37
C LYS A 165 0.97 18.84 -12.74
N ASP A 166 0.09 19.82 -13.08
CA ASP A 166 0.24 21.16 -12.51
C ASP A 166 0.11 21.19 -10.99
N GLY A 167 1.15 21.70 -10.34
CA GLY A 167 1.16 21.84 -8.88
C GLY A 167 1.66 20.64 -8.09
N VAL A 168 1.83 19.51 -8.77
CA VAL A 168 2.25 18.26 -8.12
C VAL A 168 3.63 18.39 -7.52
N ARG A 169 4.64 18.79 -8.31
CA ARG A 169 5.98 18.95 -7.78
C ARG A 169 6.04 19.91 -6.56
N GLU A 170 5.34 21.05 -6.66
CA GLU A 170 5.32 22.05 -5.60
C GLU A 170 4.77 21.50 -4.28
N VAL A 171 3.72 20.65 -4.36
CA VAL A 171 3.14 20.03 -3.17
C VAL A 171 4.20 19.17 -2.44
N PHE A 172 4.95 18.33 -3.18
CA PHE A 172 5.92 17.44 -2.53
C PHE A 172 7.18 18.22 -2.06
N GLU A 173 7.57 19.28 -2.76
CA GLU A 173 8.71 20.10 -2.30
C GLU A 173 8.31 20.83 -1.01
N MET A 174 7.07 21.35 -0.94
CA MET A 174 6.60 22.02 0.28
C MET A 174 6.48 21.00 1.43
N ALA A 175 5.95 19.80 1.14
CA ALA A 175 5.81 18.74 2.17
C ALA A 175 7.19 18.41 2.76
N THR A 176 8.24 18.40 1.92
CA THR A 176 9.61 18.14 2.37
C THR A 176 10.07 19.26 3.31
N ARG A 177 9.83 20.52 2.93
CA ARG A 177 10.13 21.68 3.78
C ARG A 177 9.41 21.56 5.14
N ALA A 178 8.11 21.21 5.13
CA ALA A 178 7.34 21.04 6.37
C ALA A 178 7.94 19.94 7.25
N ALA A 179 8.33 18.79 6.65
CA ALA A 179 8.94 17.67 7.36
C ALA A 179 10.27 18.07 8.02
N LEU A 180 11.01 19.00 7.41
CA LEU A 180 12.30 19.45 7.94
C LEU A 180 12.18 20.43 9.11
N GLN A 181 11.02 21.09 9.27
CA GLN A 181 10.84 22.07 10.36
C GLN A 181 10.91 21.43 11.74
N SER B 1 13.10 -12.48 -5.69
CA SER B 1 12.37 -13.07 -6.82
CA SER B 1 12.37 -13.11 -6.79
C SER B 1 13.33 -13.79 -7.78
N MET B 2 12.83 -14.78 -8.52
CA MET B 2 13.63 -15.50 -9.47
C MET B 2 13.54 -14.83 -10.83
N GLU B 3 14.65 -14.84 -11.57
CA GLU B 3 14.78 -14.15 -12.84
C GLU B 3 13.64 -14.39 -13.84
N MET B 4 13.17 -15.66 -13.96
CA MET B 4 12.08 -16.00 -14.86
CA MET B 4 12.07 -16.05 -14.85
C MET B 4 10.81 -15.20 -14.55
N ASP B 5 10.44 -15.12 -13.27
CA ASP B 5 9.25 -14.39 -12.90
C ASP B 5 9.43 -12.88 -13.02
N GLU B 6 10.64 -12.38 -12.73
CA GLU B 6 10.91 -10.95 -12.83
C GLU B 6 10.77 -10.50 -14.27
N LYS B 7 11.32 -11.28 -15.22
CA LYS B 7 11.23 -10.89 -16.62
C LYS B 7 9.77 -10.95 -17.10
N ASP B 8 9.02 -11.97 -16.67
CA ASP B 8 7.60 -12.10 -17.06
C ASP B 8 6.74 -10.93 -16.57
N PHE B 9 7.13 -10.31 -15.45
CA PHE B 9 6.42 -9.18 -14.84
C PHE B 9 7.24 -7.89 -14.86
N ALA B 10 8.17 -7.74 -15.82
CA ALA B 10 9.00 -6.54 -15.92
C ALA B 10 8.22 -5.35 -16.51
N ALA B 11 7.32 -5.60 -17.49
CA ALA B 11 6.57 -4.52 -18.13
C ALA B 11 5.54 -3.83 -17.19
N ASP B 12 5.24 -2.55 -17.48
CA ASP B 12 4.31 -1.77 -16.67
C ASP B 12 2.88 -2.28 -16.75
N SER B 13 2.54 -3.12 -17.76
CA SER B 13 1.20 -3.63 -17.94
C SER B 13 1.17 -4.96 -18.73
N TRP B 14 0.00 -5.64 -18.72
CA TRP B 14 -0.18 -6.84 -19.54
C TRP B 14 -0.04 -6.45 -21.03
N SER B 15 -0.63 -5.30 -21.43
CA SER B 15 -0.59 -4.82 -22.81
CA SER B 15 -0.59 -4.82 -22.81
C SER B 15 0.81 -4.58 -23.33
N LEU B 16 1.76 -4.25 -22.43
CA LEU B 16 3.16 -4.05 -22.82
C LEU B 16 3.97 -5.35 -22.67
N ALA B 17 3.51 -6.30 -21.82
CA ALA B 17 4.20 -7.59 -21.62
C ALA B 17 4.01 -8.57 -22.81
N VAL B 18 2.81 -8.66 -23.38
CA VAL B 18 2.53 -9.58 -24.50
C VAL B 18 3.04 -9.00 -25.85
N ASP B 19 3.25 -9.86 -26.87
CA ASP B 19 3.70 -9.36 -28.18
C ASP B 19 2.59 -8.48 -28.77
N SER B 20 2.94 -7.39 -29.48
CA SER B 20 1.91 -6.50 -30.06
C SER B 20 0.97 -7.22 -31.03
N SER B 21 1.46 -8.24 -31.75
CA SER B 21 0.60 -9.01 -32.66
C SER B 21 -0.45 -9.83 -31.91
N PHE B 22 -0.16 -10.22 -30.66
CA PHE B 22 -1.11 -10.96 -29.83
C PHE B 22 -2.13 -9.99 -29.22
N LEU B 23 -1.66 -8.82 -28.77
CA LEU B 23 -2.50 -7.76 -28.20
C LEU B 23 -3.58 -7.34 -29.20
N GLN B 24 -3.17 -7.15 -30.48
CA GLN B 24 -4.08 -6.76 -31.56
C GLN B 24 -5.22 -7.74 -31.79
N GLN B 25 -5.11 -8.98 -31.33
CA GLN B 25 -6.16 -9.97 -31.49
C GLN B 25 -7.29 -9.86 -30.46
N HIS B 26 -7.16 -8.99 -29.44
CA HIS B 26 -8.19 -8.90 -28.40
C HIS B 26 -8.99 -7.59 -28.37
N LYS B 27 -10.21 -7.67 -27.86
CA LYS B 27 -11.04 -6.47 -27.70
C LYS B 27 -10.49 -5.63 -26.54
N LYS B 28 -10.84 -4.33 -26.53
CA LYS B 28 -10.41 -3.39 -25.51
C LYS B 28 -10.79 -3.88 -24.09
N GLU B 29 -12.01 -4.41 -23.94
CA GLU B 29 -12.48 -4.87 -22.63
C GLU B 29 -11.63 -6.01 -22.04
N VAL B 30 -11.14 -6.92 -22.91
CA VAL B 30 -10.27 -8.02 -22.47
C VAL B 30 -8.91 -7.46 -22.06
N MET B 31 -8.36 -6.49 -22.83
CA MET B 31 -7.10 -5.86 -22.47
CA MET B 31 -7.10 -5.85 -22.47
C MET B 31 -7.21 -5.20 -21.08
N LYS B 32 -8.31 -4.45 -20.82
CA LYS B 32 -8.49 -3.77 -19.53
C LYS B 32 -8.57 -4.78 -18.40
N GLN B 33 -9.34 -5.88 -18.58
CA GLN B 33 -9.39 -6.94 -17.55
C GLN B 33 -7.97 -7.53 -17.29
N GLN B 34 -7.25 -7.88 -18.39
CA GLN B 34 -5.93 -8.51 -18.25
C GLN B 34 -4.87 -7.57 -17.61
N ASP B 35 -4.94 -6.27 -17.90
CA ASP B 35 -4.03 -5.32 -17.27
C ASP B 35 -4.18 -5.34 -15.71
N VAL B 36 -5.42 -5.45 -15.21
CA VAL B 36 -5.64 -5.43 -13.72
C VAL B 36 -5.23 -6.75 -13.11
N ILE B 37 -5.50 -7.87 -13.81
CA ILE B 37 -5.09 -9.20 -13.31
C ILE B 37 -3.56 -9.24 -13.24
N TYR B 38 -2.89 -8.69 -14.26
CA TYR B 38 -1.42 -8.63 -14.30
C TYR B 38 -0.92 -7.79 -13.10
N GLU B 39 -1.60 -6.67 -12.78
CA GLU B 39 -1.21 -5.86 -11.62
C GLU B 39 -1.35 -6.67 -10.32
N LEU B 40 -2.43 -7.43 -10.16
CA LEU B 40 -2.61 -8.27 -8.97
C LEU B 40 -1.40 -9.27 -8.82
N ILE B 41 -1.05 -9.96 -9.91
CA ILE B 41 0.00 -10.99 -9.84
C ILE B 41 1.35 -10.31 -9.62
N GLN B 42 1.62 -9.23 -10.37
CA GLN B 42 2.88 -8.47 -10.23
C GLN B 42 3.07 -7.95 -8.79
N THR B 43 2.00 -7.37 -8.18
CA THR B 43 2.11 -6.87 -6.79
C THR B 43 2.25 -8.06 -5.80
N GLU B 44 1.64 -9.22 -6.12
CA GLU B 44 1.81 -10.40 -5.26
C GLU B 44 3.27 -10.90 -5.32
N LEU B 45 3.88 -10.93 -6.53
CA LEU B 45 5.30 -11.28 -6.71
C LEU B 45 6.20 -10.37 -5.82
N HIS B 46 5.95 -9.05 -5.84
CA HIS B 46 6.70 -8.07 -5.03
C HIS B 46 6.48 -8.28 -3.50
N HIS B 47 5.26 -8.63 -3.11
CA HIS B 47 4.91 -8.84 -1.68
C HIS B 47 5.66 -10.07 -1.17
N VAL B 48 5.68 -11.16 -1.97
CA VAL B 48 6.42 -12.37 -1.62
C VAL B 48 7.92 -12.02 -1.54
N ARG B 49 8.40 -11.13 -2.42
CA ARG B 49 9.79 -10.67 -2.38
C ARG B 49 10.10 -9.88 -1.07
N THR B 50 9.16 -9.01 -0.63
CA THR B 50 9.27 -8.28 0.65
C THR B 50 9.42 -9.31 1.81
N LEU B 51 8.58 -10.37 1.79
CA LEU B 51 8.68 -11.42 2.82
C LEU B 51 10.03 -12.15 2.77
N LYS B 52 10.59 -12.39 1.57
CA LYS B 52 11.91 -13.04 1.46
C LYS B 52 13.03 -12.15 1.99
N ILE B 53 12.95 -10.82 1.78
CA ILE B 53 13.93 -9.87 2.35
C ILE B 53 13.88 -9.98 3.90
N MET B 54 12.67 -10.00 4.47
CA MET B 54 12.47 -10.13 5.91
C MET B 54 13.01 -11.45 6.46
N THR B 55 12.68 -12.60 5.83
CA THR B 55 13.15 -13.90 6.34
C THR B 55 14.63 -14.17 6.06
N ARG B 56 15.07 -13.99 4.81
CA ARG B 56 16.43 -14.35 4.40
C ARG B 56 17.49 -13.29 4.62
N LEU B 57 17.22 -12.03 4.23
CA LEU B 57 18.22 -10.99 4.38
C LEU B 57 18.30 -10.52 5.85
N PHE B 58 17.16 -10.13 6.44
CA PHE B 58 17.17 -9.60 7.80
C PHE B 58 17.22 -10.66 8.90
N ARG B 59 16.14 -11.45 9.05
CA ARG B 59 16.04 -12.43 10.14
C ARG B 59 17.24 -13.39 10.20
N THR B 60 17.53 -14.09 9.10
CA THR B 60 18.61 -15.06 9.07
C THR B 60 19.99 -14.40 9.22
N GLY B 61 20.15 -13.20 8.66
CA GLY B 61 21.41 -12.47 8.80
C GLY B 61 21.71 -12.11 10.25
N MET B 62 20.67 -11.71 11.00
CA MET B 62 20.82 -11.38 12.43
C MET B 62 21.15 -12.64 13.23
N LEU B 63 20.50 -13.77 12.93
CA LEU B 63 20.81 -15.03 13.63
C LEU B 63 22.24 -15.49 13.36
N GLU B 64 22.72 -15.35 12.12
CA GLU B 64 24.04 -15.86 11.77
C GLU B 64 25.23 -14.93 12.03
N GLU B 65 24.99 -13.60 12.11
N GLU B 65 25.11 -13.65 11.71
CA GLU B 65 26.02 -12.58 12.38
CA GLU B 65 26.24 -12.73 11.80
C GLU B 65 25.97 -11.88 13.77
C GLU B 65 26.32 -12.04 13.14
N LEU B 66 24.79 -11.68 14.34
N LEU B 66 25.18 -11.66 13.71
CA LEU B 66 24.68 -10.93 15.61
CA LEU B 66 25.14 -11.02 15.01
C LEU B 66 24.51 -11.82 16.85
C LEU B 66 24.91 -11.99 16.16
N HIS B 67 24.71 -11.24 18.05
N HIS B 67 24.41 -13.21 15.87
CA HIS B 67 24.56 -11.96 19.31
CA HIS B 67 24.07 -14.24 16.86
C HIS B 67 23.36 -11.39 20.06
C HIS B 67 23.09 -13.68 17.89
N LEU B 68 22.21 -11.27 19.39
N LEU B 68 22.10 -12.91 17.42
CA LEU B 68 21.01 -10.71 20.03
CA LEU B 68 21.09 -12.32 18.29
C LEU B 68 20.45 -11.66 21.09
C LEU B 68 20.18 -13.40 18.84
N GLU B 69 19.78 -11.13 22.10
N GLU B 69 19.68 -13.20 20.06
CA GLU B 69 19.17 -11.93 23.15
CA GLU B 69 18.78 -14.10 20.76
C GLU B 69 18.05 -12.83 22.60
C GLU B 69 17.52 -14.34 19.93
N PRO B 70 17.86 -14.06 23.11
N PRO B 70 17.15 -15.61 19.71
CA PRO B 70 16.79 -14.93 22.56
CA PRO B 70 15.96 -15.92 18.88
C PRO B 70 15.40 -14.29 22.62
C PRO B 70 14.69 -15.16 19.23
N GLY B 71 14.64 -14.44 21.53
N GLY B 71 14.43 -14.97 20.53
CA GLY B 71 13.31 -13.84 21.43
CA GLY B 71 13.26 -14.23 20.98
C GLY B 71 13.31 -12.42 20.85
C GLY B 71 13.27 -12.78 20.52
N VAL B 72 14.49 -11.85 20.61
N VAL B 72 14.45 -12.14 20.55
CA VAL B 72 14.59 -10.51 20.02
CA VAL B 72 14.60 -10.75 20.09
C VAL B 72 14.26 -10.59 18.52
C VAL B 72 14.26 -10.66 18.59
N VAL B 73 14.85 -11.55 17.79
CA VAL B 73 14.60 -11.66 16.34
C VAL B 73 13.11 -11.97 16.05
N GLN B 74 12.47 -12.80 16.89
CA GLN B 74 11.05 -13.10 16.73
CA GLN B 74 11.05 -13.12 16.76
C GLN B 74 10.18 -11.85 16.96
N GLY B 75 10.58 -10.98 17.88
CA GLY B 75 9.87 -9.73 18.17
C GLY B 75 9.99 -8.72 17.04
N LEU B 76 11.13 -8.73 16.31
CA LEU B 76 11.36 -7.85 15.17
C LEU B 76 10.56 -8.32 13.96
N PHE B 77 10.47 -9.65 13.76
CA PHE B 77 9.82 -10.26 12.59
C PHE B 77 8.72 -11.26 12.98
N PRO B 78 7.63 -10.81 13.65
CA PRO B 78 6.59 -11.77 14.05
C PRO B 78 5.93 -12.42 12.84
N CYS B 79 5.62 -13.75 12.92
CA CYS B 79 4.86 -14.52 11.92
C CYS B 79 5.42 -14.57 10.50
N VAL B 80 6.67 -14.13 10.27
CA VAL B 80 7.23 -14.06 8.91
CA VAL B 80 7.19 -14.03 8.93
C VAL B 80 7.23 -15.39 8.16
N ASP B 81 7.54 -16.51 8.83
CA ASP B 81 7.55 -17.82 8.14
C ASP B 81 6.12 -18.21 7.75
N GLU B 82 5.13 -17.96 8.63
CA GLU B 82 3.74 -18.29 8.33
CA GLU B 82 3.75 -18.28 8.32
C GLU B 82 3.24 -17.42 7.17
N LEU B 83 3.59 -16.12 7.18
CA LEU B 83 3.18 -15.19 6.13
C LEU B 83 3.81 -15.61 4.81
N SER B 84 5.10 -15.99 4.83
CA SER B 84 5.80 -16.40 3.62
C SER B 84 5.13 -17.66 3.04
N ASP B 85 4.74 -18.61 3.89
CA ASP B 85 4.07 -19.83 3.44
C ASP B 85 2.71 -19.56 2.78
N ILE B 86 1.91 -18.69 3.40
CA ILE B 86 0.59 -18.33 2.84
C ILE B 86 0.75 -17.69 1.43
N HIS B 87 1.61 -16.67 1.33
CA HIS B 87 1.70 -15.92 0.08
C HIS B 87 2.51 -16.62 -1.00
N THR B 88 3.51 -17.42 -0.62
CA THR B 88 4.27 -18.19 -1.64
C THR B 88 3.32 -19.22 -2.29
N ARG B 89 2.43 -19.85 -1.49
CA ARG B 89 1.47 -20.80 -2.03
C ARG B 89 0.47 -20.10 -2.95
N PHE B 90 -0.02 -18.91 -2.55
CA PHE B 90 -0.99 -18.17 -3.35
C PHE B 90 -0.34 -17.70 -4.67
N LEU B 91 0.90 -17.22 -4.58
CA LEU B 91 1.67 -16.78 -5.76
C LEU B 91 1.89 -17.98 -6.71
N SER B 92 2.18 -19.17 -6.15
CA SER B 92 2.39 -20.37 -6.96
CA SER B 92 2.39 -20.37 -6.95
C SER B 92 1.13 -20.67 -7.79
N GLN B 93 -0.04 -20.57 -7.17
CA GLN B 93 -1.30 -20.80 -7.87
C GLN B 93 -1.59 -19.76 -8.95
N LEU B 94 -1.32 -18.47 -8.67
CA LEU B 94 -1.54 -17.42 -9.68
C LEU B 94 -0.59 -17.65 -10.87
N LEU B 95 0.70 -17.96 -10.60
CA LEU B 95 1.68 -18.14 -11.67
C LEU B 95 1.39 -19.42 -12.50
N GLU B 96 0.82 -20.46 -11.87
CA GLU B 96 0.47 -21.68 -12.60
C GLU B 96 -0.75 -21.45 -13.51
N ARG B 97 -1.71 -20.61 -13.06
CA ARG B 97 -2.88 -20.27 -13.85
C ARG B 97 -2.42 -19.51 -15.13
N ARG B 98 -1.42 -18.60 -14.98
CA ARG B 98 -0.84 -17.85 -16.10
C ARG B 98 -0.10 -18.82 -17.04
N ARG B 99 0.79 -19.66 -16.47
CA ARG B 99 1.58 -20.62 -17.26
CA ARG B 99 1.58 -20.63 -17.24
C ARG B 99 0.70 -21.58 -18.08
N GLN B 100 -0.35 -22.15 -17.47
CA GLN B 100 -1.27 -23.04 -18.20
C GLN B 100 -1.94 -22.33 -19.36
N ALA B 101 -2.20 -21.03 -19.21
CA ALA B 101 -2.88 -20.24 -20.23
C ALA B 101 -1.97 -19.78 -21.39
N LEU B 102 -0.64 -20.00 -21.31
CA LEU B 102 0.26 -19.54 -22.37
C LEU B 102 -0.05 -20.21 -23.72
N CYS B 103 0.11 -19.46 -24.81
CA CYS B 103 -0.03 -20.07 -26.14
C CYS B 103 1.15 -20.99 -26.38
N PRO B 104 0.95 -22.17 -27.00
CA PRO B 104 2.11 -23.00 -27.39
C PRO B 104 3.09 -22.19 -28.24
N GLY B 105 4.36 -22.35 -27.95
CA GLY B 105 5.41 -21.60 -28.62
C GLY B 105 5.66 -20.22 -28.03
N SER B 106 4.97 -19.85 -26.92
CA SER B 106 5.18 -18.54 -26.31
C SER B 106 5.45 -18.63 -24.82
N THR B 107 6.32 -17.76 -24.30
CA THR B 107 6.51 -17.66 -22.85
C THR B 107 5.91 -16.33 -22.32
N ARG B 108 5.16 -15.57 -23.17
CA ARG B 108 4.57 -14.32 -22.70
C ARG B 108 3.13 -14.07 -23.09
N ASN B 109 2.61 -14.75 -24.13
CA ASN B 109 1.24 -14.53 -24.59
C ASN B 109 0.22 -15.42 -23.90
N PHE B 110 -0.64 -14.81 -23.08
CA PHE B 110 -1.69 -15.55 -22.37
C PHE B 110 -2.88 -14.62 -22.05
N VAL B 111 -4.02 -15.24 -21.72
CA VAL B 111 -5.22 -14.56 -21.23
C VAL B 111 -5.75 -15.41 -20.05
N ILE B 112 -5.97 -14.81 -18.88
CA ILE B 112 -6.55 -15.55 -17.75
C ILE B 112 -8.05 -15.18 -17.73
N HIS B 113 -8.90 -16.16 -18.07
CA HIS B 113 -10.35 -15.96 -18.08
C HIS B 113 -11.06 -16.36 -16.77
N ARG B 114 -10.44 -17.21 -15.92
N ARG B 114 -10.42 -17.24 -16.01
CA ARG B 114 -11.12 -17.76 -14.73
CA ARG B 114 -10.94 -17.78 -14.79
C ARG B 114 -10.48 -17.49 -13.34
C ARG B 114 -9.96 -17.47 -13.66
N LEU B 115 -10.02 -16.28 -13.12
N LEU B 115 -10.17 -16.35 -13.01
CA LEU B 115 -9.42 -15.91 -11.83
CA LEU B 115 -9.42 -15.94 -11.83
C LEU B 115 -10.35 -16.06 -10.61
C LEU B 115 -10.34 -16.07 -10.60
N GLY B 116 -11.63 -15.78 -10.77
CA GLY B 116 -12.60 -15.83 -9.68
C GLY B 116 -12.55 -17.03 -8.76
N ASP B 117 -12.52 -18.23 -9.35
CA ASP B 117 -12.49 -19.49 -8.60
CA ASP B 117 -12.48 -19.48 -8.60
C ASP B 117 -11.22 -19.59 -7.75
N LEU B 118 -10.09 -19.11 -8.27
CA LEU B 118 -8.83 -19.16 -7.52
C LEU B 118 -8.95 -18.27 -6.28
N LEU B 119 -9.51 -17.05 -6.45
CA LEU B 119 -9.68 -16.09 -5.35
C LEU B 119 -10.70 -16.61 -4.31
N ILE B 120 -11.78 -17.31 -4.75
CA ILE B 120 -12.74 -17.89 -3.80
C ILE B 120 -12.01 -18.94 -2.92
N SER B 121 -11.19 -19.79 -3.55
CA SER B 121 -10.42 -20.81 -2.84
CA SER B 121 -10.42 -20.81 -2.85
C SER B 121 -9.43 -20.18 -1.85
N GLN B 122 -8.67 -19.16 -2.28
CA GLN B 122 -7.73 -18.50 -1.37
C GLN B 122 -8.44 -17.86 -0.14
N PHE B 123 -9.60 -17.23 -0.35
CA PHE B 123 -10.27 -16.49 0.70
C PHE B 123 -11.44 -17.24 1.36
N SER B 124 -11.41 -18.58 1.34
CA SER B 124 -12.41 -19.41 2.03
C SER B 124 -11.72 -20.65 2.66
N GLY B 125 -12.45 -21.38 3.52
CA GLY B 125 -11.92 -22.57 4.17
C GLY B 125 -10.67 -22.38 5.01
N PRO B 126 -9.92 -23.47 5.19
CA PRO B 126 -8.70 -23.38 6.02
C PRO B 126 -7.71 -22.29 5.64
N SER B 127 -7.49 -22.02 4.32
CA SER B 127 -6.53 -20.98 3.97
C SER B 127 -7.00 -19.58 4.47
N ALA B 128 -8.31 -19.30 4.42
CA ALA B 128 -8.81 -18.02 4.94
C ALA B 128 -8.65 -17.97 6.47
N GLU B 129 -8.91 -19.09 7.16
CA GLU B 129 -8.75 -19.14 8.61
C GLU B 129 -7.29 -18.87 9.02
N GLN B 130 -6.35 -19.42 8.26
CA GLN B 130 -4.92 -19.21 8.53
C GLN B 130 -4.51 -17.76 8.23
N MET B 131 -5.00 -17.15 7.13
CA MET B 131 -4.71 -15.75 6.81
C MET B 131 -5.25 -14.84 7.92
N CYS B 132 -6.48 -15.12 8.38
CA CYS B 132 -7.10 -14.33 9.46
C CYS B 132 -6.29 -14.41 10.76
N LYS B 133 -5.90 -15.62 11.16
CA LYS B 133 -5.16 -15.86 12.40
C LYS B 133 -3.75 -15.22 12.35
N THR B 134 -3.06 -15.36 11.21
CA THR B 134 -1.71 -14.82 11.02
C THR B 134 -1.69 -13.28 10.96
N TYR B 135 -2.62 -12.64 10.21
CA TYR B 135 -2.65 -11.17 10.15
C TYR B 135 -3.14 -10.55 11.46
N SER B 136 -4.06 -11.23 12.19
CA SER B 136 -4.52 -10.70 13.49
C SER B 136 -3.32 -10.69 14.48
N GLU B 137 -2.44 -11.72 14.41
CA GLU B 137 -1.26 -11.79 15.25
CA GLU B 137 -1.26 -11.74 15.28
C GLU B 137 -0.20 -10.75 14.79
N PHE B 138 0.15 -10.76 13.49
CA PHE B 138 1.15 -9.86 12.92
C PHE B 138 0.80 -8.38 13.20
N CYS B 139 -0.41 -7.98 12.82
CA CYS B 139 -0.85 -6.60 12.97
C CYS B 139 -0.94 -6.17 14.44
N SER B 140 -1.23 -7.13 15.37
CA SER B 140 -1.24 -6.79 16.81
C SER B 140 0.19 -6.63 17.38
N ARG B 141 1.20 -7.12 16.66
CA ARG B 141 2.59 -7.02 17.08
C ARG B 141 3.41 -5.99 16.28
N HIS B 142 2.73 -5.23 15.41
CA HIS B 142 3.33 -4.27 14.50
C HIS B 142 4.06 -3.15 15.28
N SER B 143 3.35 -2.46 16.20
CA SER B 143 3.95 -1.37 16.97
CA SER B 143 3.92 -1.37 17.01
C SER B 143 5.12 -1.84 17.83
N LYS B 144 5.01 -3.03 18.45
CA LYS B 144 6.08 -3.61 19.27
C LYS B 144 7.34 -3.89 18.44
N ALA B 145 7.19 -4.40 17.22
CA ALA B 145 8.32 -4.66 16.30
C ALA B 145 9.06 -3.35 15.97
N LEU B 146 8.33 -2.27 15.60
CA LEU B 146 8.92 -0.96 15.27
C LEU B 146 9.68 -0.37 16.46
N LYS B 147 9.13 -0.49 17.67
CA LYS B 147 9.78 0.04 18.87
C LYS B 147 11.04 -0.74 19.24
N LEU B 148 11.02 -2.07 19.07
CA LEU B 148 12.18 -2.91 19.33
C LEU B 148 13.28 -2.59 18.32
N TYR B 149 12.91 -2.38 17.04
CA TYR B 149 13.88 -2.04 15.99
C TYR B 149 14.60 -0.72 16.34
N LYS B 150 13.80 0.32 16.68
CA LYS B 150 14.34 1.63 16.99
C LYS B 150 15.29 1.57 18.18
N GLU B 151 14.95 0.80 19.21
CA GLU B 151 15.79 0.65 20.39
CA GLU B 151 15.81 0.66 20.38
C GLU B 151 17.14 0.03 20.02
N LEU B 152 17.11 -1.09 19.28
CA LEU B 152 18.32 -1.79 18.86
C LEU B 152 19.23 -0.93 17.96
N TYR B 153 18.64 -0.20 17.00
CA TYR B 153 19.41 0.64 16.09
C TYR B 153 20.11 1.77 16.85
N ALA B 154 19.47 2.31 17.88
CA ALA B 154 20.03 3.41 18.64
C ALA B 154 21.07 3.03 19.68
N ARG B 155 20.97 1.82 20.24
CA ARG B 155 21.86 1.41 21.33
CA ARG B 155 21.82 1.37 21.35
C ARG B 155 22.88 0.32 20.99
N ASP B 156 22.68 -0.45 19.91
CA ASP B 156 23.61 -1.52 19.56
C ASP B 156 24.40 -1.23 18.29
N LYS B 157 25.73 -0.96 18.45
CA LYS B 157 26.64 -0.66 17.35
C LYS B 157 26.70 -1.75 16.27
N ARG B 158 26.85 -3.01 16.67
CA ARG B 158 26.93 -4.13 15.73
C ARG B 158 25.59 -4.26 14.94
N PHE B 159 24.46 -3.97 15.58
CA PHE B 159 23.16 -4.02 14.93
C PHE B 159 23.04 -2.91 13.87
N GLN B 160 23.44 -1.68 14.24
CA GLN B 160 23.43 -0.54 13.34
C GLN B 160 24.32 -0.83 12.10
N GLN B 161 25.55 -1.37 12.30
CA GLN B 161 26.45 -1.70 11.20
C GLN B 161 25.82 -2.76 10.29
N PHE B 162 25.19 -3.79 10.88
CA PHE B 162 24.52 -4.84 10.11
C PHE B 162 23.42 -4.24 9.22
N ILE B 163 22.53 -3.43 9.81
CA ILE B 163 21.43 -2.81 9.09
C ILE B 163 21.95 -1.92 7.94
N ARG B 164 22.91 -1.03 8.24
CA ARG B 164 23.48 -0.14 7.25
C ARG B 164 24.16 -0.92 6.11
N LYS B 165 24.76 -2.06 6.43
CA LYS B 165 25.45 -2.90 5.45
C LYS B 165 24.44 -3.56 4.47
N VAL B 166 23.42 -4.23 5.00
CA VAL B 166 22.49 -4.99 4.16
C VAL B 166 21.44 -4.13 3.47
N THR B 167 21.21 -2.89 3.96
CA THR B 167 20.26 -2.00 3.29
C THR B 167 20.97 -0.98 2.37
N ARG B 168 22.30 -1.00 2.28
CA ARG B 168 23.04 -0.07 1.42
C ARG B 168 22.75 -0.17 -0.09
N PRO B 169 22.60 -1.38 -0.67
CA PRO B 169 22.36 -1.46 -2.14
C PRO B 169 21.11 -0.71 -2.57
N ALA B 170 21.16 -0.09 -3.75
CA ALA B 170 20.01 0.65 -4.26
C ALA B 170 18.73 -0.18 -4.38
N VAL B 171 18.83 -1.51 -4.66
CA VAL B 171 17.61 -2.33 -4.79
C VAL B 171 16.87 -2.48 -3.46
N LEU B 172 17.50 -2.16 -2.29
CA LEU B 172 16.86 -2.18 -0.97
C LEU B 172 16.33 -0.78 -0.53
N LYS B 173 16.37 0.23 -1.42
CA LYS B 173 15.98 1.61 -1.08
C LYS B 173 14.61 1.72 -0.39
N ARG B 174 13.63 0.93 -0.86
CA ARG B 174 12.25 0.97 -0.29
C ARG B 174 12.02 -0.09 0.81
N HIS B 175 13.03 -0.91 1.14
CA HIS B 175 12.82 -2.08 1.97
C HIS B 175 13.65 -2.16 3.24
N GLY B 176 13.71 -1.06 3.99
CA GLY B 176 14.28 -1.12 5.33
C GLY B 176 13.35 -1.93 6.24
N VAL B 177 13.77 -2.23 7.47
CA VAL B 177 12.98 -3.06 8.38
C VAL B 177 11.55 -2.52 8.60
N GLN B 178 11.43 -1.25 8.95
CA GLN B 178 10.12 -0.65 9.23
C GLN B 178 9.25 -0.57 7.98
N GLU B 179 9.87 -0.30 6.84
CA GLU B 179 9.18 -0.22 5.55
C GLU B 179 8.63 -1.60 5.18
N CYS B 180 9.38 -2.69 5.43
CA CYS B 180 8.88 -4.04 5.14
C CYS B 180 7.65 -4.33 6.01
N ILE B 181 7.72 -3.99 7.31
CA ILE B 181 6.60 -4.26 8.22
C ILE B 181 5.32 -3.54 7.75
N LEU B 182 5.44 -2.26 7.35
CA LEU B 182 4.27 -1.53 6.88
C LEU B 182 3.78 -2.05 5.50
N LEU B 183 4.71 -2.46 4.60
CA LEU B 183 4.30 -3.06 3.30
C LEU B 183 3.44 -4.32 3.51
N VAL B 184 3.83 -5.16 4.48
CA VAL B 184 3.08 -6.38 4.80
C VAL B 184 1.72 -6.03 5.40
N THR B 185 1.67 -5.16 6.44
CA THR B 185 0.38 -4.74 7.02
C THR B 185 -0.57 -4.15 5.95
N GLN B 186 -0.01 -3.36 5.01
CA GLN B 186 -0.88 -2.73 3.98
C GLN B 186 -1.34 -3.68 2.87
N ARG B 187 -0.65 -4.82 2.70
CA ARG B 187 -0.98 -5.74 1.60
C ARG B 187 -2.44 -6.18 1.60
N ILE B 188 -2.94 -6.64 2.75
CA ILE B 188 -4.30 -7.19 2.79
C ILE B 188 -5.39 -6.21 2.35
N THR B 189 -5.22 -4.91 2.62
CA THR B 189 -6.24 -3.93 2.24
C THR B 189 -6.12 -3.51 0.75
N LYS B 190 -5.10 -3.99 0.02
CA LYS B 190 -4.98 -3.72 -1.43
C LYS B 190 -5.92 -4.68 -2.21
N TYR B 191 -6.22 -5.89 -1.67
CA TYR B 191 -6.99 -6.90 -2.43
C TYR B 191 -8.37 -6.45 -2.89
N PRO B 192 -9.20 -5.81 -2.03
CA PRO B 192 -10.54 -5.39 -2.52
C PRO B 192 -10.45 -4.35 -3.63
N LEU B 193 -9.45 -3.45 -3.62
CA LEU B 193 -9.28 -2.43 -4.65
CA LEU B 193 -9.31 -2.43 -4.66
C LEU B 193 -8.99 -3.11 -6.01
N LEU B 194 -8.08 -4.08 -6.00
CA LEU B 194 -7.69 -4.77 -7.22
C LEU B 194 -8.86 -5.66 -7.71
N ILE B 195 -9.46 -6.44 -6.81
CA ILE B 195 -10.56 -7.34 -7.16
C ILE B 195 -11.75 -6.57 -7.70
N SER B 196 -12.10 -5.42 -7.08
CA SER B 196 -13.24 -4.64 -7.57
CA SER B 196 -13.24 -4.65 -7.58
CA SER B 196 -13.23 -4.63 -7.58
C SER B 196 -12.99 -4.16 -9.01
N ARG B 197 -11.75 -3.71 -9.31
CA ARG B 197 -11.45 -3.23 -10.67
C ARG B 197 -11.44 -4.40 -11.68
N ILE B 198 -10.99 -5.61 -11.26
CA ILE B 198 -11.03 -6.78 -12.15
C ILE B 198 -12.53 -7.11 -12.45
N LEU B 199 -13.36 -7.07 -11.42
CA LEU B 199 -14.79 -7.33 -11.53
C LEU B 199 -15.44 -6.35 -12.52
N GLN B 200 -15.07 -5.08 -12.44
CA GLN B 200 -15.57 -4.05 -13.36
C GLN B 200 -15.40 -4.43 -14.86
N HIS B 201 -14.33 -5.17 -15.19
CA HIS B 201 -14.04 -5.57 -16.57
C HIS B 201 -14.29 -7.09 -16.82
N SER B 202 -15.09 -7.74 -15.95
CA SER B 202 -15.34 -9.18 -16.10
C SER B 202 -16.82 -9.50 -16.26
N HIS B 203 -17.59 -8.61 -16.90
CA HIS B 203 -19.03 -8.85 -17.09
C HIS B 203 -19.35 -9.78 -18.30
N GLY B 204 -18.40 -9.98 -19.21
CA GLY B 204 -18.57 -10.78 -20.41
C GLY B 204 -19.04 -12.21 -20.18
N ILE B 205 -18.59 -12.85 -19.08
CA ILE B 205 -19.00 -14.20 -18.72
CA ILE B 205 -18.99 -14.21 -18.73
C ILE B 205 -19.69 -14.11 -17.38
N GLU B 206 -21.01 -14.41 -17.33
CA GLU B 206 -21.78 -14.29 -16.08
C GLU B 206 -21.22 -15.13 -14.92
N GLU B 207 -20.74 -16.37 -15.18
CA GLU B 207 -20.11 -17.18 -14.11
C GLU B 207 -18.89 -16.42 -13.50
N GLU B 208 -18.11 -15.72 -14.34
CA GLU B 208 -16.92 -15.00 -13.86
C GLU B 208 -17.29 -13.80 -13.02
N ARG B 209 -18.27 -13.00 -13.48
CA ARG B 209 -18.76 -11.86 -12.70
C ARG B 209 -19.29 -12.35 -11.32
N GLN B 210 -20.03 -13.48 -11.31
CA GLN B 210 -20.55 -14.06 -10.07
C GLN B 210 -19.41 -14.52 -9.13
N ASP B 211 -18.41 -15.22 -9.68
CA ASP B 211 -17.27 -15.69 -8.88
C ASP B 211 -16.44 -14.57 -8.25
N LEU B 212 -16.16 -13.51 -9.00
CA LEU B 212 -15.42 -12.36 -8.49
C LEU B 212 -16.25 -11.60 -7.47
N THR B 213 -17.59 -11.55 -7.66
CA THR B 213 -18.47 -10.90 -6.70
C THR B 213 -18.40 -11.68 -5.37
N THR B 214 -18.42 -13.05 -5.44
CA THR B 214 -18.28 -13.87 -4.24
C THR B 214 -16.88 -13.67 -3.57
N ALA B 215 -15.81 -13.66 -4.37
CA ALA B 215 -14.43 -13.46 -3.85
C ALA B 215 -14.30 -12.11 -3.15
N LEU B 216 -14.90 -11.06 -3.72
CA LEU B 216 -14.82 -9.72 -3.15
C LEU B 216 -15.48 -9.71 -1.76
N GLY B 217 -16.64 -10.35 -1.65
CA GLY B 217 -17.33 -10.49 -0.36
C GLY B 217 -16.48 -11.23 0.67
N LEU B 218 -15.84 -12.35 0.27
CA LEU B 218 -14.98 -13.13 1.19
C LEU B 218 -13.75 -12.31 1.68
N VAL B 219 -13.11 -11.54 0.76
CA VAL B 219 -11.96 -10.71 1.15
C VAL B 219 -12.42 -9.66 2.20
N LYS B 220 -13.56 -9.02 1.95
CA LYS B 220 -14.09 -8.03 2.90
C LYS B 220 -14.44 -8.66 4.24
N GLU B 221 -15.00 -9.90 4.27
CA GLU B 221 -15.30 -10.62 5.50
CA GLU B 221 -15.29 -10.55 5.54
C GLU B 221 -14.00 -10.83 6.29
N LEU B 222 -12.93 -11.31 5.59
CA LEU B 222 -11.62 -11.57 6.20
C LEU B 222 -11.08 -10.26 6.82
N LEU B 223 -11.09 -9.16 6.05
CA LEU B 223 -10.57 -7.89 6.55
C LEU B 223 -11.31 -7.41 7.80
N SER B 224 -12.65 -7.54 7.81
CA SER B 224 -13.43 -7.11 8.96
CA SER B 224 -13.44 -7.10 8.95
C SER B 224 -13.08 -7.93 10.20
N ASN B 225 -12.84 -9.25 10.01
CA ASN B 225 -12.47 -10.17 11.10
C ASN B 225 -11.08 -9.80 11.64
N VAL B 226 -10.12 -9.56 10.73
CA VAL B 226 -8.77 -9.17 11.16
C VAL B 226 -8.79 -7.84 11.95
N ASP B 227 -9.47 -6.83 11.39
CA ASP B 227 -9.58 -5.49 11.98
C ASP B 227 -10.20 -5.57 13.39
N GLU B 228 -11.24 -6.45 13.56
CA GLU B 228 -11.86 -6.63 14.87
C GLU B 228 -10.99 -7.42 15.85
N GLY B 229 -10.01 -8.18 15.38
CA GLY B 229 -9.16 -9.00 16.22
C GLY B 229 -7.81 -8.39 16.59
N ILE B 230 -7.63 -7.09 16.28
CA ILE B 230 -6.37 -6.41 16.55
C ILE B 230 -6.40 -5.59 17.84
N TYR B 231 -5.32 -5.71 18.64
CA TYR B 231 -5.10 -4.93 19.86
C TYR B 231 -3.58 -4.84 20.01
N GLN B 232 -3.00 -3.63 19.93
CA GLN B 232 -1.54 -3.50 19.97
C GLN B 232 -0.90 -3.98 21.26
N LEU B 233 0.02 -4.91 21.11
CA LEU B 233 0.80 -5.39 22.23
C LEU B 233 1.86 -4.30 22.52
N GLU B 234 2.23 -4.19 23.79
CA GLU B 234 3.21 -3.21 24.20
C GLU B 234 4.12 -3.82 25.21
N LYS B 235 5.44 -3.77 24.97
CA LYS B 235 6.42 -4.29 25.90
C LYS B 235 6.35 -3.51 27.22
N GLY B 236 6.16 -4.23 28.33
CA GLY B 236 6.07 -3.59 29.64
C GLY B 236 4.68 -3.10 30.02
N ALA B 237 3.66 -3.35 29.18
CA ALA B 237 2.30 -2.93 29.53
C ALA B 237 1.82 -3.77 30.72
N ARG B 238 1.19 -3.10 31.67
CA ARG B 238 0.70 -3.78 32.86
C ARG B 238 -0.70 -4.29 32.63
N LEU B 239 -1.08 -5.35 33.36
CA LEU B 239 -2.40 -5.94 33.27
CA LEU B 239 -2.40 -5.92 33.25
C LEU B 239 -3.51 -4.89 33.50
N GLN B 240 -3.30 -3.97 34.45
CA GLN B 240 -4.30 -2.94 34.75
C GLN B 240 -4.57 -2.06 33.51
N GLU B 241 -3.53 -1.73 32.76
CA GLU B 241 -3.69 -0.93 31.52
C GLU B 241 -4.51 -1.72 30.51
N ILE B 242 -4.25 -3.02 30.39
CA ILE B 242 -4.96 -3.88 29.46
C ILE B 242 -6.43 -4.02 29.81
N TYR B 243 -6.78 -4.43 31.06
CA TYR B 243 -8.19 -4.62 31.40
C TYR B 243 -8.97 -3.30 31.51
N ASN B 244 -8.28 -2.14 31.51
CA ASN B 244 -8.98 -0.85 31.49
C ASN B 244 -9.04 -0.29 30.04
N ARG B 245 -8.78 -1.11 29.00
CA ARG B 245 -8.81 -0.70 27.59
C ARG B 245 -10.10 0.04 27.24
#